data_9RPZ
#
_entry.id   9RPZ
#
_cell.length_a   67.898
_cell.length_b   89.691
_cell.length_c   44.922
_cell.angle_alpha   90.000
_cell.angle_beta   90.000
_cell.angle_gamma   90.000
#
_symmetry.space_group_name_H-M   'P 21 21 2'
#
loop_
_entity.id
_entity.type
_entity.pdbx_description
1 polymer 'FosA family fosfomycin resistance glutathione transferase'
2 non-polymer 'PHENYL BORONIC ACID'
3 non-polymer 1,2-ETHANEDIOL
4 non-polymer 'MANGANESE (II) ION'
5 non-polymer 'DIMETHYL SULFOXIDE'
6 water water
#
_entity_poly.entity_id   1
_entity_poly.type   'polypeptide(L)'
_entity_poly.pdbx_seq_one_letter_code
;MLSGLNHLTLAVSQLAPSVAFYQQLLGMTLHARWDSGAYLSCGDLWLCLSLDPQRRVTPPEESDYTHYAFSISEADFASF
AARLEAAGVAVWKLNRSEGASHYFLDPDGHKLELHVGSLAQRLAACREQPYKGMVFFEQHHHHHH
;
_entity_poly.pdbx_strand_id   A,B
#
loop_
_chem_comp.id
_chem_comp.type
_chem_comp.name
_chem_comp.formula
DMS non-polymer 'DIMETHYL SULFOXIDE' 'C2 H6 O S'
EDO non-polymer 1,2-ETHANEDIOL 'C2 H6 O2'
MN non-polymer 'MANGANESE (II) ION' 'Mn 2'
PBC non-polymer 'PHENYL BORONIC ACID' 'C6 H7 B O2'
#
# COMPACT_ATOMS: atom_id res chain seq x y z
N MET A 1 -19.05 -1.89 -5.62
CA MET A 1 -18.26 -1.79 -4.35
C MET A 1 -16.78 -1.65 -4.66
N LEU A 2 -15.95 -1.65 -3.63
CA LEU A 2 -14.51 -1.61 -3.84
C LEU A 2 -14.03 -3.01 -4.16
N SER A 3 -13.06 -3.12 -5.07
N SER A 3 -13.11 -3.12 -5.11
CA SER A 3 -12.68 -4.42 -5.61
CA SER A 3 -12.54 -4.43 -5.41
C SER A 3 -11.21 -4.77 -5.46
C SER A 3 -11.08 -4.25 -5.80
N GLY A 4 -10.42 -3.96 -4.77
N GLY A 4 -10.20 -4.49 -4.85
CA GLY A 4 -9.02 -4.28 -4.55
CA GLY A 4 -8.79 -4.49 -5.12
C GLY A 4 -8.18 -3.02 -4.59
C GLY A 4 -8.15 -3.13 -4.86
N LEU A 5 -6.86 -3.20 -4.66
CA LEU A 5 -5.97 -2.04 -4.67
C LEU A 5 -5.75 -1.67 -6.13
N ASN A 6 -6.16 -0.47 -6.48
CA ASN A 6 -5.94 0.05 -7.82
C ASN A 6 -4.47 0.38 -8.04
N HIS A 7 -3.85 1.08 -7.10
CA HIS A 7 -2.43 1.36 -7.16
C HIS A 7 -1.92 1.74 -5.78
N LEU A 8 -0.61 1.56 -5.60
CA LEU A 8 0.14 2.02 -4.45
C LEU A 8 1.03 3.15 -4.93
N THR A 9 0.95 4.31 -4.28
CA THR A 9 1.84 5.41 -4.59
C THR A 9 2.74 5.68 -3.40
N LEU A 10 4.04 5.64 -3.64
CA LEU A 10 5.03 5.98 -2.64
C LEU A 10 5.68 7.31 -2.98
N ALA A 11 5.66 8.22 -2.00
CA ALA A 11 6.40 9.46 -2.13
C ALA A 11 7.88 9.18 -1.97
N VAL A 12 8.69 9.73 -2.86
CA VAL A 12 10.13 9.52 -2.82
C VAL A 12 10.84 10.86 -2.83
N SER A 13 12.00 10.91 -2.19
CA SER A 13 12.77 12.14 -2.11
C SER A 13 13.73 12.31 -3.28
N GLN A 14 14.21 11.22 -3.87
CA GLN A 14 15.13 11.25 -5.00
C GLN A 14 14.65 10.20 -5.99
N LEU A 15 14.21 10.62 -7.16
CA LEU A 15 13.53 9.71 -8.06
C LEU A 15 14.46 8.61 -8.57
N ALA A 16 15.65 8.98 -9.04
CA ALA A 16 16.50 7.99 -9.69
C ALA A 16 16.89 6.84 -8.77
N PRO A 17 17.36 7.08 -7.54
CA PRO A 17 17.69 5.95 -6.66
C PRO A 17 16.48 5.11 -6.31
N SER A 18 15.30 5.71 -6.24
N SER A 18 15.30 5.71 -6.23
CA SER A 18 14.11 4.91 -5.95
CA SER A 18 14.09 4.95 -5.95
C SER A 18 13.73 4.05 -7.15
C SER A 18 13.73 4.05 -7.13
N VAL A 19 13.78 4.59 -8.35
CA VAL A 19 13.52 3.77 -9.52
C VAL A 19 14.50 2.61 -9.57
N ALA A 20 15.78 2.90 -9.33
CA ALA A 20 16.79 1.84 -9.35
C ALA A 20 16.49 0.76 -8.31
N PHE A 21 16.06 1.16 -7.11
CA PHE A 21 15.75 0.20 -6.07
C PHE A 21 14.63 -0.73 -6.50
N TYR A 22 13.51 -0.18 -6.98
CA TYR A 22 12.37 -1.02 -7.31
C TYR A 22 12.58 -1.82 -8.59
N GLN A 23 13.23 -1.21 -9.58
CA GLN A 23 13.44 -1.90 -10.87
C GLN A 23 14.66 -2.82 -10.80
N GLN A 24 15.83 -2.28 -10.48
CA GLN A 24 17.04 -3.08 -10.54
C GLN A 24 17.12 -4.06 -9.38
N LEU A 25 16.94 -3.58 -8.16
CA LEU A 25 17.18 -4.45 -7.02
C LEU A 25 16.01 -5.39 -6.77
N LEU A 26 14.78 -4.88 -6.84
CA LEU A 26 13.62 -5.72 -6.57
C LEU A 26 13.07 -6.39 -7.80
N GLY A 27 13.47 -5.99 -9.01
CA GLY A 27 13.08 -6.68 -10.21
C GLY A 27 11.73 -6.32 -10.76
N MET A 28 11.12 -5.23 -10.31
CA MET A 28 9.83 -4.82 -10.84
C MET A 28 10.01 -4.28 -12.25
N THR A 29 8.91 -4.25 -12.98
CA THR A 29 8.91 -3.82 -14.38
C THR A 29 8.68 -2.32 -14.46
N LEU A 30 9.61 -1.61 -15.07
CA LEU A 30 9.48 -0.17 -15.28
C LEU A 30 8.76 0.10 -16.59
N HIS A 31 7.64 0.81 -16.53
CA HIS A 31 6.86 1.13 -17.72
C HIS A 31 7.09 2.54 -18.24
N ALA A 32 7.29 3.49 -17.35
CA ALA A 32 7.47 4.87 -17.76
C ALA A 32 8.10 5.62 -16.61
N ARG A 33 8.83 6.69 -16.97
N ARG A 33 8.87 6.64 -16.95
CA ARG A 33 9.51 7.56 -16.03
CA ARG A 33 9.35 7.58 -15.97
C ARG A 33 9.45 8.97 -16.57
C ARG A 33 9.29 8.96 -16.57
N TRP A 34 9.21 9.96 -15.71
CA TRP A 34 9.18 11.36 -16.12
C TRP A 34 9.88 12.17 -15.05
N ASP A 35 9.86 13.49 -15.19
CA ASP A 35 10.71 14.29 -14.32
C ASP A 35 10.31 14.16 -12.86
N SER A 36 9.05 13.82 -12.59
N SER A 36 9.06 13.83 -12.57
CA SER A 36 8.52 13.82 -11.23
CA SER A 36 8.62 13.78 -11.18
C SER A 36 7.95 12.47 -10.80
C SER A 36 7.91 12.48 -10.83
N GLY A 37 8.18 11.40 -11.55
CA GLY A 37 7.63 10.13 -11.12
C GLY A 37 7.99 8.97 -12.02
N ALA A 38 7.48 7.80 -11.64
CA ALA A 38 7.65 6.61 -12.44
C ALA A 38 6.48 5.68 -12.19
N TYR A 39 6.14 4.88 -13.20
CA TYR A 39 5.16 3.81 -13.09
C TYR A 39 5.85 2.47 -13.28
N LEU A 40 5.64 1.57 -12.33
CA LEU A 40 6.16 0.22 -12.38
C LEU A 40 5.02 -0.75 -12.12
N SER A 41 5.25 -2.01 -12.47
CA SER A 41 4.33 -3.06 -12.08
C SER A 41 5.09 -4.19 -11.42
N CYS A 42 4.39 -4.89 -10.56
CA CYS A 42 4.90 -6.07 -9.87
C CYS A 42 3.75 -7.05 -9.92
N GLY A 43 3.80 -7.99 -10.87
CA GLY A 43 2.62 -8.77 -11.14
C GLY A 43 1.49 -7.84 -11.50
N ASP A 44 0.36 -8.00 -10.82
N ASP A 44 0.35 -8.00 -10.83
CA ASP A 44 -0.80 -7.15 -11.05
CA ASP A 44 -0.80 -7.14 -11.09
C ASP A 44 -0.72 -5.80 -10.36
C ASP A 44 -0.81 -5.86 -10.24
N LEU A 45 0.24 -5.61 -9.44
CA LEU A 45 0.34 -4.35 -8.72
C LEU A 45 0.84 -3.22 -9.61
N TRP A 46 0.11 -2.10 -9.61
CA TRP A 46 0.54 -0.83 -10.19
C TRP A 46 1.18 -0.03 -9.06
N LEU A 47 2.49 0.19 -9.18
CA LEU A 47 3.27 1.00 -8.26
C LEU A 47 3.60 2.32 -8.92
N CYS A 48 3.35 3.41 -8.20
N CYS A 48 3.28 3.42 -8.25
CA CYS A 48 3.70 4.76 -8.64
CA CYS A 48 3.74 4.73 -8.66
C CYS A 48 4.70 5.35 -7.67
C CYS A 48 4.77 5.22 -7.66
N LEU A 49 5.87 5.75 -8.17
CA LEU A 49 6.84 6.49 -7.37
C LEU A 49 6.62 7.95 -7.71
N SER A 50 6.38 8.78 -6.71
CA SER A 50 6.06 10.19 -6.93
C SER A 50 7.08 11.05 -6.22
N LEU A 51 7.84 11.84 -6.98
CA LEU A 51 8.83 12.72 -6.39
C LEU A 51 8.12 13.76 -5.54
N ASP A 52 8.46 13.83 -4.27
CA ASP A 52 7.74 14.70 -3.34
C ASP A 52 8.77 15.42 -2.49
N PRO A 53 8.90 16.75 -2.61
CA PRO A 53 9.84 17.47 -1.73
C PRO A 53 9.53 17.33 -0.25
N GLN A 54 8.32 16.89 0.11
N GLN A 54 8.33 16.88 0.11
CA GLN A 54 7.99 16.67 1.51
CA GLN A 54 7.98 16.68 1.52
C GLN A 54 8.49 15.34 2.05
C GLN A 54 8.31 15.27 2.03
N ARG A 55 8.83 14.38 1.18
CA ARG A 55 9.27 13.09 1.67
C ARG A 55 10.60 13.20 2.41
N ARG A 56 10.64 12.65 3.61
CA ARG A 56 11.86 12.59 4.40
C ARG A 56 12.36 11.16 4.48
N VAL A 57 13.69 11.02 4.48
CA VAL A 57 14.29 9.73 4.74
C VAL A 57 14.08 9.45 6.22
N THR A 58 13.32 8.41 6.51
CA THR A 58 12.78 8.24 7.85
C THR A 58 13.32 6.97 8.49
N PRO A 59 14.03 7.07 9.61
CA PRO A 59 14.49 5.85 10.27
C PRO A 59 13.32 5.05 10.78
N PRO A 60 13.46 3.73 10.88
CA PRO A 60 12.31 2.89 11.18
C PRO A 60 11.78 3.07 12.58
N GLU A 61 12.60 3.54 13.51
CA GLU A 61 12.12 3.80 14.86
C GLU A 61 11.25 5.04 14.94
N GLU A 62 11.23 5.86 13.90
N GLU A 62 11.25 5.87 13.89
CA GLU A 62 10.44 7.09 13.89
CA GLU A 62 10.49 7.11 13.82
C GLU A 62 9.29 7.03 12.90
C GLU A 62 9.16 6.95 13.08
N SER A 63 8.95 5.83 12.41
CA SER A 63 7.70 5.60 11.70
C SER A 63 6.92 4.48 12.36
N ASP A 64 5.61 4.50 12.14
CA ASP A 64 4.73 3.47 12.65
C ASP A 64 4.84 2.20 11.81
N TYR A 65 4.01 1.21 12.13
CA TYR A 65 4.10 -0.13 11.57
C TYR A 65 3.50 -0.24 10.17
N THR A 66 2.99 0.84 9.59
CA THR A 66 2.45 0.77 8.23
C THR A 66 3.52 0.21 7.30
N HIS A 67 3.16 -0.79 6.49
CA HIS A 67 4.15 -1.44 5.64
C HIS A 67 3.50 -2.14 4.46
N TYR A 68 4.33 -2.49 3.49
CA TYR A 68 3.90 -2.99 2.18
C TYR A 68 4.65 -4.29 1.94
N ALA A 69 3.91 -5.39 1.81
CA ALA A 69 4.51 -6.70 1.61
C ALA A 69 4.31 -7.16 0.18
N PHE A 70 5.36 -7.74 -0.39
CA PHE A 70 5.36 -8.29 -1.74
C PHE A 70 5.42 -9.81 -1.68
N SER A 71 4.68 -10.45 -2.57
CA SER A 71 4.63 -11.90 -2.63
C SER A 71 5.85 -12.48 -3.30
N ILE A 72 6.34 -13.58 -2.73
CA ILE A 72 7.44 -14.34 -3.30
C ILE A 72 7.20 -15.80 -2.96
N SER A 73 7.67 -16.68 -3.83
CA SER A 73 7.46 -18.09 -3.62
C SER A 73 8.36 -18.65 -2.53
N GLU A 74 7.96 -19.79 -1.98
CA GLU A 74 8.78 -20.48 -1.00
C GLU A 74 10.16 -20.81 -1.57
N ALA A 75 10.21 -21.16 -2.86
CA ALA A 75 11.48 -21.54 -3.48
C ALA A 75 12.43 -20.36 -3.63
N ASP A 76 11.91 -19.15 -3.82
CA ASP A 76 12.75 -17.98 -4.08
C ASP A 76 13.04 -17.14 -2.85
N PHE A 77 12.28 -17.35 -1.76
CA PHE A 77 12.29 -16.41 -0.64
C PHE A 77 13.68 -16.20 -0.04
N ALA A 78 14.34 -17.30 0.36
CA ALA A 78 15.57 -17.18 1.12
C ALA A 78 16.69 -16.55 0.30
N SER A 79 16.81 -16.93 -0.96
N SER A 79 16.84 -16.98 -0.95
CA SER A 79 17.93 -16.38 -1.74
CA SER A 79 17.87 -16.41 -1.80
C SER A 79 17.70 -14.92 -2.08
C SER A 79 17.67 -14.91 -1.95
N PHE A 80 16.43 -14.49 -2.23
CA PHE A 80 16.14 -13.09 -2.48
C PHE A 80 16.44 -12.27 -1.23
N ALA A 81 15.99 -12.75 -0.07
CA ALA A 81 16.31 -12.07 1.18
C ALA A 81 17.82 -11.96 1.39
N ALA A 82 18.56 -13.04 1.12
CA ALA A 82 20.00 -13.03 1.33
C ALA A 82 20.68 -12.07 0.37
N ARG A 83 20.17 -11.96 -0.85
CA ARG A 83 20.72 -11.00 -1.80
C ARG A 83 20.52 -9.57 -1.32
N LEU A 84 19.34 -9.26 -0.80
CA LEU A 84 19.11 -7.93 -0.25
C LEU A 84 20.07 -7.66 0.91
N GLU A 85 20.24 -8.64 1.80
CA GLU A 85 21.17 -8.48 2.91
C GLU A 85 22.59 -8.21 2.40
N ALA A 86 23.03 -9.00 1.43
CA ALA A 86 24.39 -8.83 0.94
C ALA A 86 24.57 -7.49 0.25
N ALA A 87 23.50 -6.95 -0.33
CA ALA A 87 23.55 -5.64 -0.97
C ALA A 87 23.51 -4.49 0.02
N GLY A 88 23.37 -4.78 1.32
CA GLY A 88 23.38 -3.75 2.33
C GLY A 88 22.06 -3.08 2.58
N VAL A 89 20.96 -3.70 2.15
CA VAL A 89 19.65 -3.11 2.36
C VAL A 89 19.31 -3.14 3.84
N ALA A 90 18.90 -2.00 4.37
CA ALA A 90 18.60 -1.85 5.79
C ALA A 90 17.34 -2.61 6.16
N VAL A 91 17.26 -2.97 7.43
N VAL A 91 17.27 -3.02 7.42
CA VAL A 91 16.15 -3.77 7.90
CA VAL A 91 16.21 -3.90 7.91
C VAL A 91 15.38 -2.98 8.95
C VAL A 91 15.56 -3.26 9.14
N TRP A 92 14.27 -3.55 9.33
CA TRP A 92 13.48 -2.91 10.36
C TRP A 92 12.82 -3.91 11.28
N LYS A 93 12.85 -5.19 10.98
CA LYS A 93 12.22 -6.14 11.90
C LYS A 93 12.81 -7.53 11.68
N LEU A 94 12.97 -8.27 12.76
CA LEU A 94 13.55 -9.62 12.70
C LEU A 94 12.60 -10.71 13.12
N ASN A 95 11.70 -10.46 14.07
CA ASN A 95 10.82 -11.48 14.62
C ASN A 95 9.71 -11.80 13.62
N ARG A 96 9.56 -13.09 13.30
CA ARG A 96 8.55 -13.52 12.32
C ARG A 96 7.24 -13.74 13.05
N SER A 97 6.49 -12.65 13.20
CA SER A 97 5.22 -12.67 13.90
C SER A 97 4.04 -12.95 12.98
N GLU A 98 4.26 -13.03 11.68
CA GLU A 98 3.17 -13.26 10.72
C GLU A 98 3.62 -14.21 9.62
N GLY A 99 4.41 -15.23 9.98
CA GLY A 99 4.86 -16.22 9.03
C GLY A 99 6.23 -15.91 8.45
N ALA A 100 6.47 -16.48 7.26
CA ALA A 100 7.76 -16.41 6.59
C ALA A 100 7.87 -15.05 5.91
N SER A 101 8.62 -14.14 6.53
CA SER A 101 8.73 -12.76 6.09
C SER A 101 10.15 -12.25 6.29
N HIS A 102 10.57 -11.36 5.38
CA HIS A 102 11.80 -10.60 5.50
C HIS A 102 11.44 -9.12 5.45
N TYR A 103 11.89 -8.35 6.43
CA TYR A 103 11.49 -6.95 6.58
C TYR A 103 12.66 -6.04 6.22
N PHE A 104 12.46 -5.16 5.24
CA PHE A 104 13.53 -4.33 4.75
C PHE A 104 13.01 -2.95 4.40
N LEU A 105 13.93 -2.00 4.26
CA LEU A 105 13.60 -0.60 4.04
C LEU A 105 13.98 -0.17 2.63
N ASP A 106 13.17 0.70 2.03
CA ASP A 106 13.54 1.35 0.77
C ASP A 106 14.41 2.56 1.08
N PRO A 107 14.91 3.25 0.04
CA PRO A 107 15.86 4.35 0.29
C PRO A 107 15.32 5.46 1.16
N ASP A 108 14.01 5.67 1.18
CA ASP A 108 13.40 6.70 2.01
C ASP A 108 12.89 6.18 3.33
N GLY A 109 13.13 4.90 3.63
CA GLY A 109 12.63 4.31 4.84
C GLY A 109 11.21 3.78 4.73
N HIS A 110 10.62 3.70 3.55
CA HIS A 110 9.35 2.99 3.45
C HIS A 110 9.58 1.55 3.93
N LYS A 111 8.66 1.07 4.76
CA LYS A 111 8.76 -0.25 5.33
C LYS A 111 8.19 -1.29 4.37
N LEU A 112 9.06 -2.17 3.89
CA LEU A 112 8.73 -3.21 2.94
C LEU A 112 8.90 -4.58 3.57
N GLU A 113 8.38 -5.58 2.88
CA GLU A 113 8.41 -6.96 3.37
C GLU A 113 8.35 -7.89 2.17
N LEU A 114 9.10 -8.99 2.23
CA LEU A 114 8.87 -10.16 1.41
C LEU A 114 8.09 -11.15 2.25
N HIS A 115 7.00 -11.70 1.70
CA HIS A 115 6.21 -12.67 2.46
C HIS A 115 5.83 -13.84 1.57
N VAL A 116 5.92 -15.04 2.13
CA VAL A 116 5.45 -16.26 1.48
C VAL A 116 4.09 -16.62 2.09
N GLY A 117 3.06 -16.65 1.25
CA GLY A 117 1.76 -17.16 1.67
C GLY A 117 0.63 -16.18 1.50
N SER A 118 -0.57 -16.73 1.32
CA SER A 118 -1.79 -15.96 1.13
C SER A 118 -2.48 -15.67 2.46
N LEU A 119 -3.54 -14.85 2.38
CA LEU A 119 -4.37 -14.61 3.55
C LEU A 119 -5.01 -15.91 4.05
N ALA A 120 -5.51 -16.73 3.13
CA ALA A 120 -6.08 -18.01 3.54
C ALA A 120 -5.07 -18.84 4.32
N GLN A 121 -3.82 -18.89 3.84
CA GLN A 121 -2.80 -19.66 4.53
C GLN A 121 -2.48 -19.06 5.89
N ARG A 122 -2.48 -17.72 5.99
N ARG A 122 -2.43 -17.72 5.95
CA ARG A 122 -2.20 -17.10 7.28
CA ARG A 122 -2.24 -17.03 7.22
C ARG A 122 -3.33 -17.33 8.27
C ARG A 122 -3.32 -17.43 8.22
N LEU A 123 -4.58 -17.35 7.80
CA LEU A 123 -5.69 -17.65 8.70
C LEU A 123 -5.59 -19.08 9.21
N ALA A 124 -5.25 -20.02 8.32
CA ALA A 124 -5.11 -21.40 8.74
C ALA A 124 -3.97 -21.56 9.75
N ALA A 125 -2.85 -20.88 9.53
CA ALA A 125 -1.77 -20.95 10.51
C ALA A 125 -2.19 -20.35 11.84
N CYS A 126 -2.98 -19.26 11.78
CA CYS A 126 -3.39 -18.58 13.00
C CYS A 126 -4.39 -19.39 13.80
N ARG A 127 -5.16 -20.25 13.15
CA ARG A 127 -6.05 -21.13 13.92
C ARG A 127 -5.25 -22.01 14.87
N GLU A 128 -4.05 -22.43 14.46
CA GLU A 128 -3.21 -23.27 15.30
C GLU A 128 -2.39 -22.45 16.28
N GLN A 129 -1.91 -21.30 15.83
CA GLN A 129 -1.06 -20.41 16.63
C GLN A 129 -1.68 -19.03 16.52
N PRO A 130 -2.80 -18.82 17.20
CA PRO A 130 -3.53 -17.56 17.05
C PRO A 130 -2.85 -16.41 17.77
N TYR A 131 -3.10 -15.21 17.26
N TYR A 131 -3.10 -15.22 17.25
CA TYR A 131 -2.72 -14.02 17.98
CA TYR A 131 -2.78 -14.02 18.01
C TYR A 131 -3.66 -13.85 19.18
C TYR A 131 -3.59 -14.02 19.30
N LYS A 132 -3.17 -13.21 20.24
CA LYS A 132 -3.93 -13.09 21.48
C LYS A 132 -5.32 -12.52 21.24
N GLY A 133 -6.34 -13.25 21.70
CA GLY A 133 -7.71 -12.79 21.56
C GLY A 133 -8.33 -12.97 20.20
N MET A 134 -7.73 -13.79 19.34
CA MET A 134 -8.18 -13.86 17.96
C MET A 134 -9.56 -14.52 17.81
N VAL A 135 -10.38 -13.91 16.96
N VAL A 135 -10.38 -13.91 16.97
CA VAL A 135 -11.68 -14.42 16.55
CA VAL A 135 -11.67 -14.46 16.57
C VAL A 135 -11.69 -14.48 15.03
C VAL A 135 -11.70 -14.48 15.04
N PHE A 136 -12.30 -15.54 14.50
CA PHE A 136 -12.40 -15.75 13.07
C PHE A 136 -13.85 -15.61 12.66
N PHE A 137 -14.08 -14.93 11.55
CA PHE A 137 -15.43 -14.70 11.05
C PHE A 137 -15.68 -15.53 9.79
N MET B 1 11.65 -13.98 -7.60
CA MET B 1 10.93 -12.91 -8.36
C MET B 1 9.66 -12.54 -7.61
N LEU B 2 9.36 -11.26 -7.54
CA LEU B 2 8.18 -10.82 -6.80
C LEU B 2 6.96 -10.91 -7.71
N SER B 3 5.86 -11.39 -7.16
CA SER B 3 4.70 -11.68 -8.00
C SER B 3 3.50 -10.78 -7.77
N GLY B 4 3.58 -9.81 -6.87
CA GLY B 4 2.47 -8.92 -6.61
C GLY B 4 2.56 -8.34 -5.21
N LEU B 5 1.53 -7.58 -4.86
CA LEU B 5 1.37 -7.11 -3.49
C LEU B 5 0.78 -8.25 -2.66
N ASN B 6 1.49 -8.63 -1.61
CA ASN B 6 0.99 -9.67 -0.74
C ASN B 6 -0.04 -9.12 0.25
N HIS B 7 0.30 -8.02 0.94
CA HIS B 7 -0.65 -7.38 1.82
C HIS B 7 -0.22 -5.94 2.05
N LEU B 8 -1.20 -5.13 2.44
CA LEU B 8 -1.02 -3.76 2.89
C LEU B 8 -1.37 -3.73 4.36
N THR B 9 -0.45 -3.23 5.19
CA THR B 9 -0.70 -3.08 6.61
C THR B 9 -0.72 -1.61 6.97
N LEU B 10 -1.81 -1.19 7.61
CA LEU B 10 -1.97 0.17 8.08
C LEU B 10 -1.89 0.17 9.59
N ALA B 11 -0.99 0.99 10.15
CA ALA B 11 -0.98 1.22 11.59
C ALA B 11 -2.17 2.10 11.97
N VAL B 12 -2.86 1.72 13.02
CA VAL B 12 -4.04 2.44 13.47
C VAL B 12 -3.92 2.75 14.95
N SER B 13 -4.48 3.90 15.35
CA SER B 13 -4.39 4.31 16.74
C SER B 13 -5.49 3.72 17.60
N GLN B 14 -6.65 3.42 17.02
CA GLN B 14 -7.78 2.85 17.74
C GLN B 14 -8.41 1.81 16.83
N LEU B 15 -8.45 0.56 17.28
CA LEU B 15 -8.85 -0.51 16.38
C LEU B 15 -10.33 -0.45 16.02
N ALA B 16 -11.21 -0.19 16.99
CA ALA B 16 -12.63 -0.23 16.70
C ALA B 16 -13.06 0.76 15.64
N PRO B 17 -12.68 2.05 15.70
CA PRO B 17 -13.12 2.95 14.62
C PRO B 17 -12.52 2.60 13.28
N SER B 18 -11.31 2.04 13.27
CA SER B 18 -10.71 1.65 12.00
C SER B 18 -11.43 0.46 11.39
N VAL B 19 -11.78 -0.54 12.21
CA VAL B 19 -12.59 -1.65 11.70
C VAL B 19 -13.93 -1.14 11.19
N ALA B 20 -14.57 -0.23 11.93
CA ALA B 20 -15.84 0.32 11.47
C ALA B 20 -15.68 0.99 10.11
N PHE B 21 -14.60 1.74 9.94
CA PHE B 21 -14.37 2.47 8.69
C PHE B 21 -14.17 1.51 7.53
N TYR B 22 -13.25 0.55 7.66
CA TYR B 22 -12.93 -0.31 6.53
C TYR B 22 -14.02 -1.34 6.27
N GLN B 23 -14.59 -1.93 7.31
CA GLN B 23 -15.63 -2.94 7.14
C GLN B 23 -16.98 -2.32 6.82
N GLN B 24 -17.49 -1.46 7.71
CA GLN B 24 -18.86 -0.99 7.56
C GLN B 24 -18.98 0.13 6.53
N LEU B 25 -18.13 1.16 6.62
CA LEU B 25 -18.26 2.27 5.68
C LEU B 25 -17.77 1.86 4.29
N LEU B 26 -16.57 1.28 4.20
N LEU B 26 -16.57 1.27 4.20
CA LEU B 26 -16.01 0.98 2.89
CA LEU B 26 -15.98 0.96 2.91
C LEU B 26 -16.50 -0.35 2.33
C LEU B 26 -16.35 -0.42 2.38
N GLY B 27 -17.04 -1.23 3.17
CA GLY B 27 -17.58 -2.48 2.70
C GLY B 27 -16.62 -3.64 2.56
N MET B 28 -15.44 -3.56 3.15
CA MET B 28 -14.49 -4.66 3.06
C MET B 28 -14.92 -5.81 3.97
N THR B 29 -14.42 -6.99 3.65
CA THR B 29 -14.79 -8.21 4.37
C THR B 29 -13.85 -8.42 5.55
N LEU B 30 -14.41 -8.53 6.75
CA LEU B 30 -13.61 -8.77 7.96
C LEU B 30 -13.46 -10.27 8.15
N HIS B 31 -12.23 -10.76 8.10
CA HIS B 31 -11.97 -12.19 8.27
C HIS B 31 -11.56 -12.58 9.68
N ALA B 32 -10.85 -11.71 10.40
CA ALA B 32 -10.41 -12.05 11.74
C ALA B 32 -10.06 -10.77 12.47
N ARG B 33 -10.15 -10.81 13.79
CA ARG B 33 -9.75 -9.70 14.64
C ARG B 33 -9.14 -10.28 15.90
N TRP B 34 -8.13 -9.60 16.41
CA TRP B 34 -7.50 -9.98 17.66
C TRP B 34 -7.28 -8.71 18.47
N ASP B 35 -6.68 -8.86 19.65
CA ASP B 35 -6.60 -7.72 20.55
C ASP B 35 -5.85 -6.55 19.92
N SER B 36 -4.93 -6.82 19.00
CA SER B 36 -4.11 -5.75 18.43
C SER B 36 -4.18 -5.66 16.92
N GLY B 37 -5.21 -6.20 16.28
CA GLY B 37 -5.30 -5.99 14.85
C GLY B 37 -6.49 -6.68 14.22
N ALA B 38 -6.55 -6.59 12.90
CA ALA B 38 -7.60 -7.22 12.13
C ALA B 38 -7.10 -7.53 10.74
N TYR B 39 -7.69 -8.55 10.13
CA TYR B 39 -7.47 -8.89 8.73
C TYR B 39 -8.78 -8.71 7.96
N LEU B 40 -8.69 -7.97 6.86
CA LEU B 40 -9.81 -7.74 5.95
C LEU B 40 -9.36 -8.07 4.55
N SER B 41 -10.34 -8.28 3.68
CA SER B 41 -10.05 -8.36 2.25
C SER B 41 -10.94 -7.40 1.46
N CYS B 42 -10.42 -6.99 0.32
CA CYS B 42 -11.12 -6.11 -0.62
C CYS B 42 -10.72 -6.63 -1.99
N GLY B 43 -11.59 -7.41 -2.63
CA GLY B 43 -11.13 -8.14 -3.80
C GLY B 43 -9.92 -8.98 -3.46
N ASP B 44 -8.86 -8.88 -4.29
N ASP B 44 -8.88 -8.87 -4.28
CA ASP B 44 -7.62 -9.58 -4.05
CA ASP B 44 -7.63 -9.60 -4.06
C ASP B 44 -6.78 -8.99 -2.93
C ASP B 44 -6.68 -8.87 -3.11
N LEU B 45 -7.09 -7.77 -2.49
CA LEU B 45 -6.27 -7.10 -1.49
C LEU B 45 -6.46 -7.72 -0.11
N TRP B 46 -5.35 -8.10 0.51
CA TRP B 46 -5.28 -8.47 1.91
C TRP B 46 -4.85 -7.23 2.68
N LEU B 47 -5.75 -6.72 3.52
CA LEU B 47 -5.51 -5.55 4.34
C LEU B 47 -5.34 -5.99 5.79
N CYS B 48 -4.31 -5.51 6.45
N CYS B 48 -4.29 -5.52 6.43
CA CYS B 48 -4.14 -5.72 7.87
CA CYS B 48 -4.09 -5.68 7.86
C CYS B 48 -4.18 -4.37 8.57
C CYS B 48 -4.25 -4.33 8.52
N LEU B 49 -5.03 -4.26 9.59
CA LEU B 49 -5.03 -3.12 10.49
C LEU B 49 -4.26 -3.55 11.72
N SER B 50 -3.22 -2.80 12.07
CA SER B 50 -2.36 -3.14 13.20
C SER B 50 -2.43 -2.03 14.22
N LEU B 51 -2.91 -2.35 15.42
CA LEU B 51 -2.99 -1.36 16.49
C LEU B 51 -1.58 -0.98 16.90
N ASP B 52 -1.27 0.32 16.86
CA ASP B 52 0.09 0.78 17.07
C ASP B 52 0.05 2.08 17.85
N PRO B 53 0.49 2.11 19.12
N PRO B 53 0.53 2.07 19.11
CA PRO B 53 0.42 3.38 19.86
CA PRO B 53 0.67 3.33 19.87
C PRO B 53 1.28 4.47 19.26
C PRO B 53 1.60 4.34 19.22
N GLN B 54 2.23 4.11 18.39
N GLN B 54 2.38 3.93 18.21
CA GLN B 54 3.04 5.10 17.68
CA GLN B 54 3.17 4.90 17.47
C GLN B 54 2.31 5.74 16.51
C GLN B 54 2.29 5.76 16.56
N ARG B 55 1.14 5.26 16.12
CA ARG B 55 0.40 5.94 15.07
C ARG B 55 -0.17 7.25 15.58
N ARG B 56 0.15 8.33 14.89
N ARG B 56 0.17 8.35 14.90
CA ARG B 56 -0.40 9.64 15.18
CA ARG B 56 -0.40 9.65 15.15
C ARG B 56 -1.54 9.94 14.20
C ARG B 56 -1.55 9.90 14.20
N VAL B 57 -2.62 10.53 14.70
CA VAL B 57 -3.68 11.03 13.83
C VAL B 57 -3.10 12.22 13.09
N THR B 58 -2.85 12.07 11.80
CA THR B 58 -1.94 12.96 11.09
C THR B 58 -2.70 13.83 10.10
N PRO B 59 -2.70 15.15 10.27
CA PRO B 59 -3.35 16.01 9.28
C PRO B 59 -2.70 15.82 7.91
N PRO B 60 -3.47 16.01 6.83
CA PRO B 60 -2.91 15.74 5.50
C PRO B 60 -1.80 16.69 5.10
N GLU B 61 -1.78 17.91 5.64
CA GLU B 61 -0.70 18.83 5.37
C GLU B 61 0.63 18.35 5.96
N GLU B 62 0.57 17.43 6.92
CA GLU B 62 1.74 16.98 7.65
C GLU B 62 2.25 15.62 7.19
N SER B 63 1.63 15.02 6.21
CA SER B 63 2.12 13.77 5.63
C SER B 63 2.46 14.01 4.17
N ASP B 64 3.34 13.14 3.66
CA ASP B 64 3.70 13.20 2.27
C ASP B 64 2.61 12.55 1.40
N TYR B 65 2.89 12.46 0.10
CA TYR B 65 1.92 12.05 -0.91
C TYR B 65 1.69 10.56 -0.98
N THR B 66 2.38 9.75 -0.17
CA THR B 66 2.14 8.32 -0.17
C THR B 66 0.66 8.05 0.05
N HIS B 67 0.08 7.19 -0.79
CA HIS B 67 -1.35 6.95 -0.68
C HIS B 67 -1.73 5.62 -1.34
N TYR B 68 -2.94 5.18 -1.00
CA TYR B 68 -3.45 3.85 -1.33
C TYR B 68 -4.78 4.02 -2.05
N ALA B 69 -4.84 3.59 -3.30
CA ALA B 69 -6.02 3.76 -4.14
C ALA B 69 -6.73 2.42 -4.30
N PHE B 70 -8.05 2.44 -4.13
CA PHE B 70 -8.90 1.26 -4.30
C PHE B 70 -9.67 1.38 -5.61
N SER B 71 -9.88 0.23 -6.26
CA SER B 71 -10.62 0.22 -7.51
C SER B 71 -12.12 0.21 -7.28
N ILE B 72 -12.81 0.95 -8.13
CA ILE B 72 -14.27 0.97 -8.17
C ILE B 72 -14.67 1.19 -9.62
N SER B 73 -15.84 0.71 -9.99
CA SER B 73 -16.30 0.93 -11.35
C SER B 73 -16.74 2.38 -11.53
N GLU B 74 -16.70 2.85 -12.78
CA GLU B 74 -17.23 4.17 -13.08
C GLU B 74 -18.67 4.29 -12.65
N ALA B 75 -19.46 3.24 -12.87
CA ALA B 75 -20.88 3.30 -12.57
C ALA B 75 -21.14 3.44 -11.07
N ASP B 76 -20.27 2.91 -10.22
CA ASP B 76 -20.46 2.95 -8.78
C ASP B 76 -19.78 4.14 -8.10
N PHE B 77 -18.91 4.85 -8.82
CA PHE B 77 -18.05 5.86 -8.22
C PHE B 77 -18.84 6.95 -7.50
N ALA B 78 -19.81 7.57 -8.18
CA ALA B 78 -20.45 8.76 -7.63
C ALA B 78 -21.23 8.43 -6.36
N SER B 79 -21.90 7.29 -6.33
N SER B 79 -21.93 7.30 -6.35
CA SER B 79 -22.66 6.96 -5.11
CA SER B 79 -22.65 6.89 -5.15
C SER B 79 -21.75 6.59 -3.95
C SER B 79 -21.69 6.69 -3.99
N PHE B 80 -20.57 6.03 -4.24
CA PHE B 80 -19.64 5.73 -3.16
C PHE B 80 -19.03 7.02 -2.62
N ALA B 81 -18.68 7.95 -3.51
CA ALA B 81 -18.20 9.24 -3.05
C ALA B 81 -19.25 9.94 -2.20
N ALA B 82 -20.52 9.86 -2.60
CA ALA B 82 -21.58 10.49 -1.83
C ALA B 82 -21.75 9.84 -0.46
N ARG B 83 -21.54 8.53 -0.38
CA ARG B 83 -21.58 7.82 0.89
C ARG B 83 -20.50 8.34 1.83
N LEU B 84 -19.28 8.49 1.31
CA LEU B 84 -18.20 9.03 2.12
C LEU B 84 -18.51 10.45 2.56
N GLU B 85 -19.09 11.25 1.66
N GLU B 85 -19.07 11.25 1.66
CA GLU B 85 -19.43 12.62 2.01
CA GLU B 85 -19.42 12.63 2.03
C GLU B 85 -20.51 12.67 3.09
C GLU B 85 -20.49 12.64 3.12
N ALA B 86 -21.51 11.78 3.00
CA ALA B 86 -22.56 11.76 4.01
C ALA B 86 -21.98 11.43 5.38
N ALA B 87 -21.00 10.52 5.41
CA ALA B 87 -20.32 10.11 6.63
C ALA B 87 -19.33 11.15 7.13
N GLY B 88 -19.16 12.26 6.42
CA GLY B 88 -18.28 13.32 6.88
C GLY B 88 -16.81 13.03 6.68
N VAL B 89 -16.46 12.16 5.75
CA VAL B 89 -15.08 11.78 5.53
C VAL B 89 -14.38 12.91 4.79
N ALA B 90 -13.24 13.35 5.30
CA ALA B 90 -12.53 14.48 4.72
C ALA B 90 -11.83 14.12 3.41
N VAL B 91 -11.80 15.10 2.51
CA VAL B 91 -11.09 15.01 1.23
C VAL B 91 -9.77 15.75 1.37
N TRP B 92 -8.71 15.19 0.81
CA TRP B 92 -7.38 15.78 0.90
C TRP B 92 -6.85 16.35 -0.42
N LYS B 93 -7.57 16.19 -1.52
CA LYS B 93 -7.10 16.63 -2.83
C LYS B 93 -8.28 16.58 -3.79
N LEU B 94 -8.29 17.47 -4.78
CA LEU B 94 -9.22 17.37 -5.90
C LEU B 94 -8.59 16.63 -7.08
N ASN B 95 -9.43 15.95 -7.85
CA ASN B 95 -8.94 15.23 -9.03
C ASN B 95 -8.61 16.20 -10.18
N ARG B 96 -7.40 16.05 -10.73
CA ARG B 96 -6.96 16.80 -11.91
C ARG B 96 -6.29 15.92 -12.95
N SER B 97 -6.41 14.59 -12.83
N SER B 97 -6.48 14.60 -12.89
CA SER B 97 -5.77 13.61 -13.70
CA SER B 97 -5.82 13.69 -13.81
C SER B 97 -6.84 12.81 -14.44
C SER B 97 -6.82 12.67 -14.31
N GLU B 98 -6.40 11.89 -15.31
CA GLU B 98 -7.36 11.09 -16.07
C GLU B 98 -7.91 9.95 -15.20
N GLY B 99 -9.17 9.64 -15.44
CA GLY B 99 -9.86 8.65 -14.64
C GLY B 99 -10.43 9.29 -13.39
N ALA B 100 -11.66 8.94 -13.07
CA ALA B 100 -12.27 9.46 -11.86
C ALA B 100 -11.44 9.09 -10.64
N SER B 101 -11.26 10.05 -9.74
CA SER B 101 -10.58 9.83 -8.47
C SER B 101 -11.23 10.66 -7.38
N HIS B 102 -11.40 10.05 -6.22
CA HIS B 102 -11.88 10.70 -5.00
C HIS B 102 -10.83 10.48 -3.92
N TYR B 103 -10.28 11.55 -3.36
CA TYR B 103 -9.16 11.48 -2.43
C TYR B 103 -9.64 11.74 -1.02
N PHE B 104 -9.59 10.72 -0.16
CA PHE B 104 -10.21 10.82 1.15
C PHE B 104 -9.29 10.27 2.23
N LEU B 105 -9.56 10.64 3.48
CA LEU B 105 -8.71 10.29 4.60
C LEU B 105 -9.36 9.25 5.49
N ASP B 106 -8.57 8.33 6.00
CA ASP B 106 -9.05 7.38 7.01
C ASP B 106 -8.99 8.04 8.38
N PRO B 107 -9.48 7.35 9.42
CA PRO B 107 -9.56 7.99 10.75
C PRO B 107 -8.22 8.47 11.32
N ASP B 108 -7.12 7.86 10.91
CA ASP B 108 -5.79 8.25 11.36
C ASP B 108 -5.08 9.16 10.37
N GLY B 109 -5.74 9.56 9.30
CA GLY B 109 -5.12 10.37 8.29
C GLY B 109 -4.39 9.61 7.22
N HIS B 110 -4.52 8.29 7.15
CA HIS B 110 -3.98 7.62 5.98
C HIS B 110 -4.65 8.15 4.73
N LYS B 111 -3.84 8.43 3.72
CA LYS B 111 -4.34 8.99 2.46
C LYS B 111 -4.82 7.89 1.55
N LEU B 112 -6.11 7.92 1.25
CA LEU B 112 -6.80 6.93 0.42
C LEU B 112 -7.36 7.60 -0.83
N GLU B 113 -7.73 6.76 -1.79
CA GLU B 113 -8.27 7.22 -3.05
C GLU B 113 -9.20 6.15 -3.59
N LEU B 114 -10.31 6.58 -4.20
CA LEU B 114 -11.08 5.73 -5.11
C LEU B 114 -10.62 6.10 -6.51
N HIS B 115 -10.24 5.11 -7.33
CA HIS B 115 -9.85 5.42 -8.71
C HIS B 115 -10.52 4.45 -9.67
N VAL B 116 -10.93 4.99 -10.81
CA VAL B 116 -11.45 4.25 -11.95
C VAL B 116 -10.39 4.28 -13.04
N GLY B 117 -9.87 3.12 -13.39
CA GLY B 117 -8.92 3.02 -14.48
C GLY B 117 -7.67 2.27 -14.09
N SER B 118 -7.10 1.58 -15.07
CA SER B 118 -5.95 0.71 -14.90
C SER B 118 -4.65 1.45 -15.26
N LEU B 119 -3.53 0.78 -14.99
CA LEU B 119 -2.24 1.25 -15.48
C LEU B 119 -2.25 1.34 -17.00
N ALA B 120 -2.81 0.36 -17.69
CA ALA B 120 -2.85 0.41 -19.15
C ALA B 120 -3.58 1.66 -19.64
N GLN B 121 -4.69 2.01 -19.00
CA GLN B 121 -5.44 3.20 -19.39
C GLN B 121 -4.60 4.44 -19.15
N ARG B 122 -3.91 4.51 -18.01
CA ARG B 122 -3.07 5.65 -17.72
C ARG B 122 -1.93 5.76 -18.74
N LEU B 123 -1.27 4.65 -19.05
CA LEU B 123 -0.18 4.69 -20.01
C LEU B 123 -0.66 5.12 -21.39
N ALA B 124 -1.84 4.67 -21.80
CA ALA B 124 -2.37 5.08 -23.10
C ALA B 124 -2.59 6.59 -23.13
N ALA B 125 -3.16 7.15 -22.06
CA ALA B 125 -3.36 8.60 -22.00
C ALA B 125 -2.03 9.33 -22.01
N CYS B 126 -1.04 8.81 -21.29
CA CYS B 126 0.28 9.44 -21.23
C CYS B 126 0.99 9.39 -22.58
N ARG B 127 0.82 8.31 -23.33
N ARG B 127 0.82 8.30 -23.33
CA ARG B 127 1.45 8.24 -24.64
CA ARG B 127 1.45 8.25 -24.64
C ARG B 127 0.91 9.32 -25.57
C ARG B 127 0.92 9.37 -25.53
N GLU B 128 -0.38 9.65 -25.44
CA GLU B 128 -0.96 10.71 -26.26
C GLU B 128 -0.56 12.10 -25.77
N GLN B 129 -0.34 12.24 -24.47
CA GLN B 129 -0.05 13.54 -23.84
C GLN B 129 0.99 13.33 -22.76
N PRO B 130 2.25 13.16 -23.14
CA PRO B 130 3.24 12.77 -22.14
C PRO B 130 3.54 13.87 -21.14
N TYR B 131 3.77 13.46 -19.90
CA TYR B 131 4.21 14.38 -18.87
C TYR B 131 5.60 14.90 -19.22
N LYS B 132 5.98 15.98 -18.56
CA LYS B 132 7.29 16.58 -18.81
C LYS B 132 8.40 15.60 -18.51
N GLY B 133 9.27 15.38 -19.50
CA GLY B 133 10.37 14.46 -19.35
C GLY B 133 10.03 13.00 -19.50
N MET B 134 8.84 12.68 -20.00
CA MET B 134 8.39 11.30 -19.96
C MET B 134 9.03 10.44 -21.04
N VAL B 135 9.47 9.27 -20.59
N VAL B 135 9.52 9.28 -20.62
CA VAL B 135 10.07 8.22 -21.39
CA VAL B 135 10.02 8.26 -21.54
C VAL B 135 9.31 6.93 -21.09
C VAL B 135 9.43 6.92 -21.14
N PHE B 136 9.11 6.12 -22.13
CA PHE B 136 8.44 4.83 -22.01
C PHE B 136 9.44 3.71 -22.24
N PHE B 137 9.14 2.55 -21.65
CA PHE B 137 10.02 1.39 -21.75
C PHE B 137 9.23 0.20 -22.23
B PBC C . 17.38 6.51 -17.43
O1 PBC C . 17.04 5.19 -17.55
O2 PBC C . 18.67 6.86 -17.20
CG1 PBC C . 14.07 8.29 -18.37
CD1 PBC C . 14.29 9.56 -17.91
CG2 PBC C . 15.47 9.88 -17.29
CB2 PBC C . 16.45 8.91 -17.13
CA PBC C . 16.26 7.61 -17.60
CB1 PBC C . 15.05 7.32 -18.22
HO1 PBC C . 16.88 5.10 -18.38
HO2 PBC C . 18.78 7.57 -17.65
HG1 PBC C . 13.22 8.06 -18.81
HD1 PBC C . 13.59 10.25 -18.02
HG2 PBC C . 15.63 10.79 -16.96
HB2 PBC C . 17.29 9.16 -16.69
HB1 PBC C . 14.87 6.41 -18.56
C1 EDO D . 4.30 15.45 -4.80
O1 EDO D . 4.49 14.06 -4.98
C2 EDO D . 2.83 15.81 -4.84
O2 EDO D . 2.23 15.17 -5.95
H11 EDO D . 4.77 15.96 -5.48
H12 EDO D . 4.66 15.73 -3.95
HO1 EDO D . 5.32 13.90 -4.93
H21 EDO D . 2.77 16.77 -4.90
H22 EDO D . 2.43 15.55 -4.00
HO2 EDO D . 1.42 15.42 -5.99
MN MN E . 3.41 -7.74 6.99
S DMS F . -7.40 -12.48 -1.31
O DMS F . -6.48 -13.65 -1.13
C1 DMS F . -6.78 -11.22 -0.17
C2 DMS F . -8.91 -12.83 -0.37
H11 DMS F . -7.49 -10.59 0.03
H12 DMS F . -6.03 -10.76 -0.57
H13 DMS F . -6.49 -11.66 0.65
H21 DMS F . -9.34 -13.62 -0.74
H22 DMS F . -9.51 -12.08 -0.42
H23 DMS F . -8.67 -13.00 0.56
MN MN G . -3.30 7.98 -6.91
#